data_4HCA
#
_entry.id   4HCA
#
_cell.length_a   54.486
_cell.length_b   36.550
_cell.length_c   66.118
_cell.angle_alpha   90.000
_cell.angle_beta   103.700
_cell.angle_gamma   90.000
#
_symmetry.space_group_name_H-M   'P 1 21 1'
#
loop_
_entity.id
_entity.type
_entity.pdbx_description
1 polymer 'Trans-acting T-cell-specific transcription factor GATA-3'
2 polymer "DNA (5'-D(*AP*AP*TP*GP*TP*CP*CP*AP*TP*CP*TP*GP*AP*TP*AP*AP*GP*AP*CP*G)-3')"
3 polymer "DNA (5'-D(*TP*TP*CP*GP*TP*CP*TP*TP*AP*TP*CP*AP*GP*AP*TP*GP*GP*AP*CP*A)-3')"
4 non-polymer 'ZINC ION'
#
loop_
_entity_poly.entity_id
_entity_poly.type
_entity_poly.pdbx_seq_one_letter_code
_entity_poly.pdbx_strand_id
1 'polypeptide(L)'
;GSHMGRECVNCGATSTPLWRRDGTGHYLCNACGLYHKMNGQNRPLIKPKRRLSAARRAGTSCANCQTTTTTLWRRNANGD
PVCNACGLYYKLHNINRPLTMKKEGIQTRNRKMSS
;
A
2 'polydeoxyribonucleotide' (DA)(DA)(DT)(DG)(DT)(DC)(DC)(DA)(DT)(DC)(DT)(DG)(DA)(DT)(DA)(DA)(DG)(DA)(DC)(DG) X
3 'polydeoxyribonucleotide' (DT)(DT)(DC)(DG)(DT)(DC)(DT)(DT)(DA)(DT)(DC)(DA)(DG)(DA)(DT)(DG)(DG)(DA)(DC)(DA) Y
#
loop_
_chem_comp.id
_chem_comp.type
_chem_comp.name
_chem_comp.formula
DA DNA linking 2'-DEOXYADENOSINE-5'-MONOPHOSPHATE 'C10 H14 N5 O6 P'
DC DNA linking 2'-DEOXYCYTIDINE-5'-MONOPHOSPHATE 'C9 H14 N3 O7 P'
DG DNA linking 2'-DEOXYGUANOSINE-5'-MONOPHOSPHATE 'C10 H14 N5 O7 P'
DT DNA linking THYMIDINE-5'-MONOPHOSPHATE 'C10 H15 N2 O8 P'
ZN non-polymer 'ZINC ION' 'Zn 2'
#
# COMPACT_ATOMS: atom_id res chain seq x y z
N MET A 4 -12.35 1.86 -3.31
CA MET A 4 -13.76 1.65 -3.35
C MET A 4 -14.18 0.64 -2.39
N GLY A 5 -14.58 1.17 -1.30
CA GLY A 5 -15.61 0.66 -0.55
C GLY A 5 -15.04 -0.42 0.12
N ARG A 6 -14.54 -0.18 1.29
CA ARG A 6 -14.09 -1.13 2.10
C ARG A 6 -13.93 -0.44 3.22
N GLU A 7 -14.44 -1.05 4.24
CA GLU A 7 -14.61 -0.74 5.65
C GLU A 7 -14.17 -1.97 6.45
N CYS A 8 -13.17 -1.81 7.31
CA CYS A 8 -12.56 -2.88 8.10
C CYS A 8 -13.62 -3.75 8.79
N VAL A 9 -13.37 -5.05 8.84
CA VAL A 9 -14.35 -5.98 9.40
C VAL A 9 -14.31 -6.05 10.92
N ASN A 10 -13.28 -5.49 11.54
CA ASN A 10 -13.25 -5.44 13.00
C ASN A 10 -13.70 -4.08 13.48
N CYS A 11 -12.83 -3.08 13.30
CA CYS A 11 -13.05 -1.76 13.87
C CYS A 11 -13.80 -0.83 12.92
N GLY A 12 -14.29 -1.36 11.80
CA GLY A 12 -14.99 -0.57 10.82
C GLY A 12 -14.21 0.61 10.25
N ALA A 13 -12.89 0.59 10.32
CA ALA A 13 -12.10 1.70 9.79
C ALA A 13 -12.32 1.86 8.31
N THR A 14 -12.02 3.06 7.82
CA THR A 14 -12.29 3.44 6.45
C THR A 14 -10.99 3.84 5.74
N SER A 15 -9.98 4.15 6.55
CA SER A 15 -8.67 4.49 6.02
C SER A 15 -7.62 3.78 6.86
N THR A 16 -6.43 3.65 6.28
CA THR A 16 -5.34 2.93 6.91
C THR A 16 -4.11 3.00 6.00
N PRO A 17 -2.91 3.06 6.59
CA PRO A 17 -1.71 3.08 5.76
C PRO A 17 -1.75 2.03 4.66
N LEU A 18 -2.35 0.88 4.95
CA LEU A 18 -2.21 -0.30 4.12
C LEU A 18 -3.20 -1.38 4.54
N TRP A 19 -4.03 -1.83 3.60
CA TRP A 19 -5.03 -2.85 3.88
C TRP A 19 -4.45 -4.26 3.95
N ARG A 20 -5.21 -5.17 4.54
CA ARG A 20 -4.79 -6.54 4.73
C ARG A 20 -6.00 -7.45 4.82
N ARG A 21 -5.74 -8.76 4.86
CA ARG A 21 -6.81 -9.74 4.96
C ARG A 21 -6.41 -10.85 5.92
N ASP A 22 -7.39 -11.61 6.40
CA ASP A 22 -7.11 -12.74 7.28
C ASP A 22 -7.24 -14.06 6.52
N GLY A 23 -7.06 -15.17 7.24
CA GLY A 23 -7.14 -16.48 6.62
C GLY A 23 -8.28 -16.66 5.63
N THR A 24 -9.47 -16.21 6.01
CA THR A 24 -10.65 -16.40 5.16
C THR A 24 -10.82 -15.24 4.18
N GLY A 25 -9.80 -14.39 4.11
CA GLY A 25 -9.73 -13.34 3.10
C GLY A 25 -10.70 -12.18 3.28
N HIS A 26 -10.82 -11.70 4.52
CA HIS A 26 -11.66 -10.54 4.79
C HIS A 26 -10.80 -9.32 5.01
N TYR A 27 -11.26 -8.15 4.59
CA TYR A 27 -10.44 -6.95 4.63
C TYR A 27 -10.37 -6.25 5.98
N LEU A 28 -9.24 -6.41 6.68
CA LEU A 28 -8.97 -5.71 7.93
C LEU A 28 -7.97 -4.58 7.68
N CYS A 29 -8.01 -3.51 8.49
CA CYS A 29 -7.00 -2.44 8.39
C CYS A 29 -5.63 -2.99 8.78
N ASN A 30 -4.58 -2.18 8.66
CA ASN A 30 -3.24 -2.61 9.05
C ASN A 30 -3.19 -3.18 10.47
N ALA A 31 -3.15 -2.31 11.47
CA ALA A 31 -3.06 -2.72 12.88
C ALA A 31 -3.95 -3.89 13.20
N CYS A 32 -5.17 -3.90 12.65
CA CYS A 32 -6.13 -4.96 12.96
C CYS A 32 -5.71 -6.30 12.40
N GLY A 33 -4.99 -6.28 11.28
CA GLY A 33 -4.53 -7.50 10.62
C GLY A 33 -3.20 -7.93 11.17
N LEU A 34 -2.27 -6.99 11.30
CA LEU A 34 -1.01 -7.27 11.95
C LEU A 34 -1.24 -7.80 13.37
N TYR A 35 -2.47 -7.68 13.86
CA TYR A 35 -2.80 -8.20 15.18
C TYR A 35 -3.30 -9.63 15.06
N HIS A 36 -3.99 -9.92 13.96
CA HIS A 36 -4.55 -11.25 13.75
C HIS A 36 -3.48 -12.28 13.40
N LYS A 37 -2.57 -11.93 12.49
CA LYS A 37 -1.47 -12.83 12.15
C LYS A 37 -0.73 -13.25 13.41
N MET A 38 -0.46 -12.27 14.27
CA MET A 38 0.37 -12.48 15.45
C MET A 38 -0.33 -13.15 16.62
N ASN A 39 -1.57 -12.76 16.91
CA ASN A 39 -2.22 -13.23 18.12
C ASN A 39 -3.32 -14.26 17.91
N GLY A 40 -3.80 -14.38 16.68
CA GLY A 40 -4.84 -15.33 16.39
C GLY A 40 -6.14 -14.91 17.02
N GLN A 41 -6.29 -13.61 17.17
CA GLN A 41 -7.39 -13.01 17.93
C GLN A 41 -7.86 -11.75 17.26
N ASN A 42 -9.18 -11.59 17.15
CA ASN A 42 -9.74 -10.29 16.83
C ASN A 42 -9.14 -9.21 17.74
N ARG A 43 -8.63 -8.19 17.18
CA ARG A 43 -7.92 -7.15 17.92
C ARG A 43 -8.84 -6.35 18.83
N PRO A 44 -8.53 -6.36 20.11
CA PRO A 44 -9.31 -5.59 21.09
C PRO A 44 -9.45 -4.18 20.59
N LEU A 45 -10.62 -3.87 20.02
CA LEU A 45 -10.83 -2.58 19.38
C LEU A 45 -10.29 -1.45 20.24
N ILE A 46 -11.16 -0.88 21.08
CA ILE A 46 -10.76 0.19 22.03
C ILE A 46 -9.43 0.76 21.52
N LYS A 47 -9.56 1.30 20.37
CA LYS A 47 -8.49 1.65 19.64
C LYS A 47 -7.93 3.06 19.34
N PRO A 48 -8.25 4.19 20.09
CA PRO A 48 -7.44 5.40 19.86
C PRO A 48 -6.10 5.39 19.21
N THR A 60 5.91 15.10 0.04
CA THR A 60 6.62 13.93 -0.28
C THR A 60 6.36 13.70 -1.62
N SER A 61 7.41 13.44 -2.32
CA SER A 61 7.31 13.20 -3.75
C SER A 61 8.41 12.29 -4.32
N CYS A 62 8.05 11.49 -5.31
CA CYS A 62 8.98 10.58 -5.97
C CYS A 62 10.26 11.30 -6.40
N ALA A 63 11.40 10.75 -6.00
CA ALA A 63 12.69 11.33 -6.35
C ALA A 63 12.95 11.21 -7.84
N ASN A 64 12.12 10.42 -8.51
CA ASN A 64 12.31 10.18 -9.95
C ASN A 64 11.33 10.96 -10.81
N CYS A 65 10.04 10.69 -10.66
CA CYS A 65 9.01 11.34 -11.46
C CYS A 65 8.36 12.50 -10.71
N GLN A 66 8.82 12.73 -9.49
CA GLN A 66 8.42 13.91 -8.74
C GLN A 66 6.90 14.02 -8.52
N THR A 67 6.21 12.89 -8.63
CA THR A 67 4.77 12.85 -8.36
C THR A 67 4.53 12.87 -6.86
N THR A 68 3.34 13.32 -6.47
CA THR A 68 2.95 13.37 -5.06
C THR A 68 1.80 12.44 -4.78
N THR A 69 1.59 11.48 -5.68
CA THR A 69 0.47 10.55 -5.54
C THR A 69 0.88 9.11 -5.87
N THR A 70 0.71 8.24 -4.89
CA THR A 70 0.96 6.81 -5.03
C THR A 70 0.27 6.08 -3.90
N THR A 71 0.02 4.79 -4.08
CA THR A 71 -0.62 4.02 -3.03
C THR A 71 0.44 3.40 -2.13
N LEU A 72 1.71 3.56 -2.50
CA LEU A 72 2.80 2.96 -1.74
C LEU A 72 4.14 3.68 -1.98
N TRP A 73 4.79 4.10 -0.91
CA TRP A 73 6.08 4.78 -1.02
C TRP A 73 7.22 3.81 -0.76
N ARG A 74 8.33 4.02 -1.46
CA ARG A 74 9.51 3.19 -1.31
C ARG A 74 10.77 4.05 -1.15
N ARG A 75 11.92 3.41 -1.21
CA ARG A 75 13.19 4.13 -1.15
C ARG A 75 14.12 3.69 -2.27
N ASN A 76 14.57 4.64 -3.07
CA ASN A 76 15.56 4.34 -4.10
C ASN A 76 16.87 3.88 -3.48
N ALA A 77 17.76 3.34 -4.31
CA ALA A 77 19.05 2.82 -3.85
C ALA A 77 19.76 3.85 -2.98
N ASN A 78 19.30 5.09 -3.06
CA ASN A 78 19.95 6.21 -2.39
C ASN A 78 19.47 6.40 -0.95
N GLY A 79 18.18 6.18 -0.72
CA GLY A 79 17.59 6.41 0.58
C GLY A 79 16.44 7.41 0.52
N ASP A 80 16.09 7.85 -0.69
CA ASP A 80 15.03 8.85 -0.90
C ASP A 80 13.71 8.21 -1.36
N PRO A 81 12.58 8.84 -1.01
CA PRO A 81 11.27 8.30 -1.40
C PRO A 81 11.07 8.31 -2.91
N VAL A 82 10.61 7.18 -3.45
CA VAL A 82 10.24 7.10 -4.84
C VAL A 82 8.83 6.52 -4.91
N CYS A 83 8.04 7.02 -5.85
CA CYS A 83 6.71 6.53 -6.11
C CYS A 83 6.75 5.02 -6.27
N ASN A 84 5.63 4.54 -6.11
CA ASN A 84 5.52 3.17 -6.36
C ASN A 84 6.20 2.88 -7.71
N ALA A 85 5.38 2.83 -8.68
CA ALA A 85 5.77 2.56 -10.05
C ALA A 85 7.28 2.58 -10.29
N CYS A 86 7.94 3.63 -9.81
CA CYS A 86 9.37 3.79 -10.03
C CYS A 86 10.17 2.68 -9.35
N GLY A 87 10.15 2.66 -8.03
CA GLY A 87 10.90 1.68 -7.26
C GLY A 87 10.73 0.27 -7.78
N LEU A 88 9.56 -0.02 -8.35
CA LEU A 88 9.32 -1.33 -8.93
C LEU A 88 10.07 -1.41 -10.24
N TYR A 89 9.94 -0.37 -11.05
CA TYR A 89 10.60 -0.37 -12.34
C TYR A 89 12.10 -0.60 -12.16
N TYR A 90 12.73 0.25 -11.35
CA TYR A 90 14.17 0.13 -11.17
C TYR A 90 14.57 -1.25 -10.68
N LYS A 91 13.94 -1.69 -9.59
CA LYS A 91 14.30 -2.99 -9.04
C LYS A 91 14.22 -4.08 -10.09
N LEU A 92 13.52 -3.81 -11.18
CA LEU A 92 13.26 -4.84 -12.18
C LEU A 92 14.05 -4.67 -13.46
N HIS A 93 14.38 -3.44 -13.81
CA HIS A 93 15.12 -3.18 -15.03
C HIS A 93 16.52 -2.64 -14.73
N ASN A 94 16.80 -2.46 -13.45
CA ASN A 94 18.06 -1.84 -13.05
C ASN A 94 18.29 -0.64 -13.95
N ILE A 95 17.23 0.17 -14.09
CA ILE A 95 17.23 1.34 -14.96
C ILE A 95 16.12 2.27 -14.52
N ASN A 96 16.46 3.47 -14.08
CA ASN A 96 15.45 4.46 -13.76
C ASN A 96 14.28 4.40 -14.73
N ARG A 97 13.07 4.55 -14.20
CA ARG A 97 11.88 4.50 -15.03
C ARG A 97 11.71 5.79 -15.79
N PRO A 98 11.62 5.69 -17.14
CA PRO A 98 11.49 6.84 -18.04
C PRO A 98 10.44 7.80 -17.55
N LEU A 99 10.57 9.08 -17.90
CA LEU A 99 9.53 10.03 -17.56
C LEU A 99 8.51 10.01 -18.69
N THR A 100 8.62 9.00 -19.55
CA THR A 100 7.69 8.80 -20.67
C THR A 100 6.58 7.83 -20.28
N MET A 101 6.91 6.83 -19.47
CA MET A 101 5.93 5.85 -19.03
C MET A 101 4.93 6.52 -18.09
N LYS A 102 5.22 7.77 -17.72
CA LYS A 102 4.33 8.53 -16.86
C LYS A 102 2.90 8.42 -17.36
N LYS A 103 2.01 8.04 -16.45
CA LYS A 103 0.61 7.84 -16.81
C LYS A 103 -0.28 8.79 -16.02
N GLU A 104 -1.49 8.98 -16.51
CA GLU A 104 -2.44 9.90 -15.89
C GLU A 104 -3.14 9.24 -14.71
N GLY A 105 -3.67 10.08 -13.83
CA GLY A 105 -4.46 9.61 -12.70
C GLY A 105 -4.06 8.27 -12.12
N ILE A 106 -5.06 7.52 -11.65
CA ILE A 106 -4.83 6.26 -10.98
C ILE A 106 -5.69 5.12 -11.54
N GLN A 107 -5.11 3.93 -11.60
CA GLN A 107 -5.81 2.75 -12.07
C GLN A 107 -5.89 1.76 -10.92
N THR A 108 -7.03 1.08 -10.79
CA THR A 108 -7.26 0.19 -9.65
C THR A 108 -7.53 -1.24 -10.12
N ARG A 109 -7.42 -2.16 -9.18
CA ARG A 109 -7.59 -3.55 -9.59
C ARG A 109 -8.38 -4.38 -8.54
N ASN A 110 -8.98 -5.56 -8.92
CA ASN A 110 -9.76 -6.42 -8.03
C ASN A 110 -9.12 -7.78 -7.77
N ARG A 111 -8.56 -7.94 -6.58
CA ARG A 111 -8.02 -9.22 -6.13
C ARG A 111 -9.13 -10.22 -5.81
N LYS A 112 -8.79 -11.24 -5.02
CA LYS A 112 -9.72 -12.24 -4.45
C LYS A 112 -9.20 -13.67 -4.56
N MET A 113 -8.75 -14.22 -3.42
CA MET A 113 -8.23 -15.57 -3.35
C MET A 113 -9.30 -16.60 -3.69
ZN ZN D . -9.34 -2.56 12.05
ZN ZN E . 7.55 7.88 -9.60
#